data_2KRP
#
_entry.id   2KRP
#
_entity_poly.entity_id   1
_entity_poly.type   'polyribonucleotide'
_entity_poly.pdbx_seq_one_letter_code
;CUCGGCUACGAACCGAG
;
_entity_poly.pdbx_strand_id   A
#